data_1TCO
#
_entry.id   1TCO
#
_cell.length_a   90.050
_cell.length_b   94.430
_cell.length_c   116.760
_cell.angle_alpha   90.00
_cell.angle_beta   90.00
_cell.angle_gamma   90.00
#
_symmetry.space_group_name_H-M   'P 21 21 21'
#
loop_
_entity.id
_entity.type
_entity.pdbx_description
1 polymer 'SERINE/THREONINE PHOSPHATASE B2'
2 polymer 'SERINE/THREONINE PHOSPHATASE B2'
3 polymer 'FK506-BINDING PROTEIN'
4 non-polymer 'ZINC ION'
5 non-polymer 'FE (III) ION'
6 non-polymer 'PHOSPHATE ION'
7 non-polymer 'CALCIUM ION'
8 non-polymer 'MYRISTIC ACID'
9 non-polymer 8-DEETHYL-8-[BUT-3-ENYL]-ASCOMYCIN
10 water water
#
loop_
_entity_poly.entity_id
_entity_poly.type
_entity_poly.pdbx_seq_one_letter_code
_entity_poly.pdbx_strand_id
1 'polypeptide(L)'
;VKAVPFPPSHRLTAKEVFDNDGKPRVDILKAHLMKEGRLEETVALRIITEGASILRQEKNLLDIDAPVTVCGDIHGQFFD
LMKLFEVGGSPANTRYLFLGDYVDRGYFSIECVLYLWALKILYPKTLFLLRGNHECRHLTEYFTFKQECKIKYSERVYDA
CMDAFDCLPLAALMNQQFLCVHGGLSPEINTLDDIRKLDRFKEPPAYGPMCDILWSDPLEDFGNEKTQEHFTHNTVRGCS
YFYSYPAVCEFLQHNNLLSILRAHEAQDAGYRMYRKSQTTGFPSLITIFSAPNYLDVYNNKAAVLKYENNVMNIRQFNCS
PHPYWLPNFMDVFTWSLPFVGEKVTEMLVNVLNICSDDELGSEEDGFDGATAAAR
;
A
2 'polypeptide(L)'
;GNEASYPLEMCSHFDADEIKRLGKRFKKLDLDNSGSLSVEEFMSLPELQQNPLVQRVIDIFDTDGNGEVDFKEFIEGVSQ
FSVKGDKEQKLRFAFRIYDMDKDGYISNGELFQVLKMMVGNNLKDTQLQQIVDKTIINADKDGDGRISFEEFCAVVGGLD
IHKKMVVDV
;
B
3 'polypeptide(L)'
;GVQVETISPGDGRTFPKAGQTCVVHYTGMLEDGKKFDSSRDRNKPFKFMLGKQEVIRGWEEGVAQMSVGQRAKLTISPDY
AYGATGHPGIIPPHATLVFDVELLKLE
;
C
#
# COMPACT_ATOMS: atom_id res chain seq x y z
N VAL A 4 17.63 5.40 -11.53
CA VAL A 4 16.77 6.00 -10.46
C VAL A 4 17.58 6.08 -9.15
N PRO A 5 17.39 7.16 -8.35
CA PRO A 5 18.12 7.27 -7.08
C PRO A 5 17.89 6.05 -6.19
N PHE A 6 18.86 5.79 -5.34
CA PHE A 6 18.86 4.65 -4.43
C PHE A 6 18.80 5.18 -2.99
N PRO A 7 18.12 4.47 -2.08
CA PRO A 7 18.05 4.98 -0.71
C PRO A 7 19.42 4.87 -0.03
N PRO A 8 19.87 5.95 0.63
CA PRO A 8 21.17 5.96 1.31
C PRO A 8 21.28 4.90 2.39
N SER A 9 22.36 4.13 2.34
CA SER A 9 22.61 3.07 3.32
C SER A 9 23.05 3.62 4.67
N HIS A 10 23.65 4.80 4.68
CA HIS A 10 24.09 5.40 5.92
C HIS A 10 22.95 5.87 6.80
N ARG A 11 22.87 5.26 7.98
CA ARG A 11 21.85 5.60 8.96
C ARG A 11 22.38 6.79 9.78
N LEU A 12 21.59 7.85 9.90
CA LEU A 12 22.02 9.02 10.68
C LEU A 12 22.18 8.66 12.14
N THR A 13 23.28 9.12 12.73
CA THR A 13 23.63 8.87 14.12
C THR A 13 23.25 10.06 15.01
N ALA A 14 23.25 9.86 16.32
CA ALA A 14 22.91 10.90 17.29
C ALA A 14 23.59 12.26 17.05
N LYS A 15 24.91 12.26 16.98
CA LYS A 15 25.65 13.49 16.76
C LYS A 15 25.36 14.18 15.42
N GLU A 16 24.74 13.46 14.48
CA GLU A 16 24.39 14.03 13.17
C GLU A 16 23.03 14.71 13.23
N VAL A 17 22.13 14.13 14.03
CA VAL A 17 20.77 14.63 14.18
C VAL A 17 20.64 15.65 15.29
N PHE A 18 21.40 15.45 16.37
CA PHE A 18 21.31 16.37 17.49
C PHE A 18 22.58 17.17 17.68
N ASP A 19 22.44 18.49 17.83
CA ASP A 19 23.60 19.35 18.07
C ASP A 19 23.90 19.40 19.58
N ASN A 20 24.97 20.11 19.95
CA ASN A 20 25.38 20.23 21.35
C ASN A 20 24.32 20.66 22.33
N ASP A 21 23.36 21.47 21.88
CA ASP A 21 22.30 21.94 22.76
C ASP A 21 21.20 20.91 22.83
N GLY A 22 21.39 19.80 22.14
CA GLY A 22 20.40 18.75 22.13
C GLY A 22 19.23 19.08 21.22
N LYS A 23 19.45 20.03 20.31
CA LYS A 23 18.42 20.45 19.37
C LYS A 23 18.55 19.63 18.11
N PRO A 24 17.45 19.00 17.67
CA PRO A 24 17.58 18.23 16.44
C PRO A 24 17.81 19.14 15.24
N ARG A 25 18.51 18.63 14.23
CA ARG A 25 18.77 19.42 13.02
C ARG A 25 17.78 18.98 11.94
N VAL A 26 16.55 19.50 12.04
CA VAL A 26 15.47 19.15 11.13
C VAL A 26 15.81 19.25 9.65
N ASP A 27 16.78 20.09 9.31
CA ASP A 27 17.19 20.26 7.92
C ASP A 27 17.95 19.03 7.43
N ILE A 28 18.82 18.51 8.28
CA ILE A 28 19.62 17.33 8.00
C ILE A 28 18.70 16.13 7.89
N LEU A 29 17.73 16.09 8.80
CA LEU A 29 16.73 15.06 8.90
C LEU A 29 15.84 15.05 7.64
N LYS A 30 15.28 16.20 7.29
CA LYS A 30 14.43 16.33 6.11
C LYS A 30 15.12 15.79 4.86
N ALA A 31 16.33 16.27 4.61
CA ALA A 31 17.10 15.84 3.44
C ALA A 31 17.33 14.34 3.39
N HIS A 32 17.71 13.76 4.53
CA HIS A 32 17.96 12.32 4.61
C HIS A 32 16.69 11.53 4.33
N LEU A 33 15.64 11.83 5.09
CA LEU A 33 14.35 11.16 4.98
C LEU A 33 13.78 11.19 3.55
N MET A 34 13.95 12.32 2.87
CA MET A 34 13.45 12.48 1.52
C MET A 34 14.12 11.57 0.50
N LYS A 35 15.31 11.08 0.81
CA LYS A 35 16.03 10.19 -0.11
C LYS A 35 15.69 8.74 0.32
N GLU A 36 14.76 8.61 1.26
CA GLU A 36 14.35 7.34 1.82
C GLU A 36 15.46 6.81 2.73
N GLY A 37 16.05 7.73 3.48
CA GLY A 37 17.13 7.40 4.40
C GLY A 37 16.58 7.03 5.77
N ARG A 38 17.28 6.13 6.45
CA ARG A 38 16.89 5.69 7.77
C ARG A 38 17.85 6.18 8.83
N LEU A 39 17.36 6.30 10.06
CA LEU A 39 18.17 6.73 11.19
C LEU A 39 18.59 5.49 11.97
N GLU A 40 19.43 5.68 12.96
CA GLU A 40 19.85 4.59 13.82
C GLU A 40 18.61 4.37 14.70
N GLU A 41 18.21 3.13 14.91
CA GLU A 41 17.03 2.86 15.72
C GLU A 41 17.03 3.62 17.04
N THR A 42 18.21 3.83 17.58
CA THR A 42 18.35 4.53 18.83
C THR A 42 18.01 6.01 18.68
N VAL A 43 18.45 6.61 17.58
CA VAL A 43 18.18 8.02 17.30
C VAL A 43 16.69 8.19 17.06
N ALA A 44 16.13 7.32 16.21
CA ALA A 44 14.71 7.35 15.90
C ALA A 44 13.94 7.30 17.23
N LEU A 45 14.34 6.37 18.07
CA LEU A 45 13.72 6.19 19.38
C LEU A 45 13.86 7.41 20.26
N ARG A 46 14.97 8.11 20.13
CA ARG A 46 15.19 9.30 20.94
C ARG A 46 14.23 10.40 20.51
N ILE A 47 14.04 10.55 19.20
CA ILE A 47 13.14 11.55 18.64
C ILE A 47 11.74 11.30 19.15
N ILE A 48 11.26 10.07 18.96
CA ILE A 48 9.93 9.65 19.39
C ILE A 48 9.74 9.88 20.89
N THR A 49 10.65 9.31 21.67
CA THR A 49 10.61 9.40 23.12
C THR A 49 10.76 10.80 23.72
N GLU A 50 11.56 11.66 23.10
CA GLU A 50 11.76 13.02 23.58
C GLU A 50 10.55 13.89 23.22
N GLY A 51 9.92 13.61 22.10
CA GLY A 51 8.72 14.34 21.69
C GLY A 51 7.60 13.91 22.61
N ALA A 52 7.54 12.61 22.90
CA ALA A 52 6.52 12.05 23.79
C ALA A 52 6.54 12.71 25.16
N SER A 53 7.75 12.95 25.69
CA SER A 53 7.91 13.61 26.99
C SER A 53 7.31 15.02 26.99
N ILE A 54 7.49 15.73 25.88
CA ILE A 54 6.98 17.11 25.70
C ILE A 54 5.45 17.09 25.66
N LEU A 55 4.91 16.19 24.84
CA LEU A 55 3.47 16.01 24.67
C LEU A 55 2.82 15.62 25.98
N ARG A 56 3.45 14.70 26.71
CA ARG A 56 2.94 14.23 27.99
C ARG A 56 2.65 15.36 28.99
N GLN A 57 3.43 16.44 28.90
CA GLN A 57 3.28 17.59 29.80
C GLN A 57 2.22 18.59 29.37
N GLU A 58 1.82 18.52 28.10
CA GLU A 58 0.81 19.45 27.57
C GLU A 58 -0.57 19.10 28.10
N LYS A 59 -1.53 19.99 27.92
CA LYS A 59 -2.88 19.74 28.40
C LYS A 59 -3.78 19.07 27.35
N ASN A 60 -4.84 18.40 27.80
CA ASN A 60 -5.79 17.72 26.91
C ASN A 60 -6.28 18.69 25.84
N LEU A 61 -6.64 19.87 26.30
CA LEU A 61 -7.14 20.95 25.46
C LEU A 61 -6.09 22.05 25.48
N LEU A 62 -5.33 22.15 24.40
CA LEU A 62 -4.27 23.16 24.30
C LEU A 62 -4.89 24.53 24.15
N ASP A 63 -4.14 25.56 24.52
CA ASP A 63 -4.60 26.94 24.39
C ASP A 63 -3.64 27.59 23.40
N ILE A 64 -4.11 27.78 22.17
CA ILE A 64 -3.30 28.32 21.09
C ILE A 64 -3.77 29.67 20.58
N ASP A 65 -2.83 30.60 20.43
CA ASP A 65 -3.11 31.96 19.97
C ASP A 65 -2.96 32.07 18.47
N ALA A 66 -3.79 32.89 17.83
CA ALA A 66 -3.63 33.13 16.41
C ALA A 66 -2.47 34.11 16.40
N PRO A 67 -1.66 34.17 15.32
CA PRO A 67 -1.69 33.49 14.02
C PRO A 67 -1.40 31.99 14.15
N VAL A 68 -2.11 31.18 13.36
CA VAL A 68 -1.90 29.76 13.38
C VAL A 68 -2.29 29.20 12.03
N THR A 69 -1.52 28.21 11.59
CA THR A 69 -1.78 27.51 10.36
C THR A 69 -2.35 26.21 10.89
N VAL A 70 -3.62 25.96 10.65
CA VAL A 70 -4.24 24.72 11.11
C VAL A 70 -4.21 23.70 9.98
N CYS A 71 -3.74 22.48 10.27
CA CYS A 71 -3.61 21.45 9.25
C CYS A 71 -4.41 20.18 9.53
N GLY A 72 -4.89 19.58 8.45
CA GLY A 72 -5.67 18.36 8.53
C GLY A 72 -4.86 17.08 8.35
N ASP A 73 -5.56 15.98 8.06
CA ASP A 73 -4.95 14.66 7.90
C ASP A 73 -3.72 14.67 7.02
N ILE A 74 -2.69 13.96 7.48
CA ILE A 74 -1.42 13.86 6.75
C ILE A 74 -1.31 12.45 6.12
N HIS A 75 -1.66 11.45 6.92
CA HIS A 75 -1.65 10.05 6.50
C HIS A 75 -0.44 9.44 5.82
N GLY A 76 0.72 9.59 6.44
CA GLY A 76 1.93 9.01 5.89
C GLY A 76 2.37 9.46 4.52
N GLN A 77 1.86 10.60 4.06
CA GLN A 77 2.25 11.13 2.77
C GLN A 77 3.34 12.17 3.01
N PHE A 78 4.49 11.69 3.44
CA PHE A 78 5.65 12.51 3.79
C PHE A 78 6.06 13.54 2.76
N PHE A 79 6.03 13.18 1.49
CA PHE A 79 6.42 14.12 0.46
C PHE A 79 5.43 15.26 0.28
N ASP A 80 4.20 15.04 0.71
CA ASP A 80 3.17 16.06 0.64
C ASP A 80 3.28 16.89 1.91
N LEU A 81 3.91 16.32 2.93
CA LEU A 81 4.14 17.00 4.20
C LEU A 81 5.19 18.07 3.94
N MET A 82 6.09 17.79 3.02
CA MET A 82 7.16 18.75 2.66
C MET A 82 6.54 19.93 1.91
N LYS A 83 5.61 19.63 1.00
CA LYS A 83 4.95 20.69 0.27
C LYS A 83 4.11 21.53 1.24
N LEU A 84 3.42 20.86 2.15
CA LEU A 84 2.60 21.55 3.13
C LEU A 84 3.39 22.67 3.79
N PHE A 85 4.59 22.37 4.28
CA PHE A 85 5.43 23.36 4.93
C PHE A 85 5.86 24.51 4.02
N GLU A 86 5.98 24.25 2.72
CA GLU A 86 6.34 25.31 1.78
C GLU A 86 5.18 26.30 1.70
N VAL A 87 3.97 25.76 1.61
CA VAL A 87 2.75 26.56 1.51
C VAL A 87 2.35 27.27 2.80
N GLY A 88 2.52 26.58 3.92
CA GLY A 88 2.14 27.15 5.20
C GLY A 88 3.17 28.01 5.90
N GLY A 89 4.44 27.85 5.56
CA GLY A 89 5.46 28.65 6.18
C GLY A 89 6.44 27.80 6.97
N SER A 90 7.65 28.31 7.17
CA SER A 90 8.64 27.58 7.92
C SER A 90 8.23 27.47 9.37
N PRO A 91 8.43 26.30 9.97
CA PRO A 91 8.05 26.12 11.37
C PRO A 91 8.93 27.03 12.23
N ALA A 92 10.04 27.47 11.63
CA ALA A 92 10.99 28.34 12.31
C ALA A 92 10.37 29.67 12.73
N ASN A 93 9.34 30.11 12.00
CA ASN A 93 8.68 31.37 12.31
C ASN A 93 7.16 31.31 12.13
N THR A 94 6.59 30.12 11.95
CA THR A 94 5.15 29.99 11.77
C THR A 94 4.57 29.03 12.82
N ARG A 95 3.49 29.43 13.47
CA ARG A 95 2.85 28.57 14.47
C ARG A 95 1.98 27.58 13.73
N TYR A 96 2.16 26.29 14.03
CA TYR A 96 1.40 25.22 13.41
C TYR A 96 0.56 24.46 14.42
N LEU A 97 -0.53 23.88 13.92
CA LEU A 97 -1.44 23.07 14.74
C LEU A 97 -1.87 21.96 13.81
N PHE A 98 -1.54 20.71 14.14
CA PHE A 98 -1.94 19.56 13.32
C PHE A 98 -3.09 18.85 14.03
N LEU A 99 -4.13 18.52 13.27
CA LEU A 99 -5.32 17.89 13.84
C LEU A 99 -5.33 16.36 13.89
N GLY A 100 -4.18 15.74 13.75
CA GLY A 100 -4.14 14.29 13.84
C GLY A 100 -3.94 13.54 12.54
N ASP A 101 -4.11 12.23 12.60
CA ASP A 101 -3.95 11.32 11.48
C ASP A 101 -2.66 11.50 10.69
N TYR A 102 -1.54 11.22 11.35
CA TYR A 102 -0.22 11.33 10.75
C TYR A 102 0.17 10.03 10.08
N VAL A 103 -0.42 8.93 10.54
CA VAL A 103 -0.06 7.61 10.03
C VAL A 103 -1.13 6.80 9.31
N ASP A 104 -0.68 5.73 8.67
CA ASP A 104 -1.48 4.77 7.90
C ASP A 104 -1.85 5.37 6.55
N ARG A 105 -2.28 4.51 5.62
CA ARG A 105 -2.66 4.89 4.28
C ARG A 105 -1.39 5.09 3.47
N GLY A 106 -0.64 6.12 3.81
CA GLY A 106 0.60 6.39 3.10
C GLY A 106 1.72 5.53 3.64
N TYR A 107 2.58 5.06 2.73
CA TYR A 107 3.69 4.22 3.10
C TYR A 107 4.95 4.94 3.60
N PHE A 108 4.76 6.14 4.14
CA PHE A 108 5.85 6.95 4.68
C PHE A 108 5.45 7.53 6.03
N SER A 109 4.67 6.76 6.79
CA SER A 109 4.19 7.18 8.10
C SER A 109 5.27 7.44 9.12
N ILE A 110 6.31 6.59 9.15
CA ILE A 110 7.38 6.79 10.13
C ILE A 110 8.17 8.09 9.88
N GLU A 111 8.42 8.43 8.62
CA GLU A 111 9.14 9.67 8.32
C GLU A 111 8.31 10.88 8.77
N CYS A 112 6.98 10.75 8.69
CA CYS A 112 6.08 11.82 9.12
C CYS A 112 6.15 12.00 10.65
N VAL A 113 6.08 10.91 11.43
CA VAL A 113 6.15 11.04 12.88
C VAL A 113 7.51 11.53 13.33
N LEU A 114 8.56 11.00 12.73
CA LEU A 114 9.94 11.40 13.06
C LEU A 114 10.18 12.89 12.79
N TYR A 115 9.81 13.36 11.61
CA TYR A 115 9.98 14.76 11.27
C TYR A 115 9.08 15.68 12.13
N LEU A 116 7.85 15.27 12.38
CA LEU A 116 6.94 16.08 13.18
C LEU A 116 7.33 16.05 14.66
N TRP A 117 7.83 14.91 15.14
CA TRP A 117 8.25 14.82 16.55
C TRP A 117 9.51 15.64 16.80
N ALA A 118 10.46 15.59 15.87
CA ALA A 118 11.70 16.35 15.98
C ALA A 118 11.38 17.83 15.93
N LEU A 119 10.43 18.18 15.08
CA LEU A 119 9.99 19.56 14.90
C LEU A 119 9.31 20.03 16.19
N LYS A 120 8.65 19.11 16.90
CA LYS A 120 7.97 19.40 18.17
C LYS A 120 9.02 19.60 19.25
N ILE A 121 10.09 18.82 19.19
CA ILE A 121 11.19 18.95 20.15
C ILE A 121 11.85 20.31 19.90
N LEU A 122 11.95 20.70 18.64
CA LEU A 122 12.57 21.96 18.25
C LEU A 122 11.68 23.20 18.49
N TYR A 123 10.37 23.07 18.28
CA TYR A 123 9.45 24.21 18.48
C TYR A 123 8.29 23.78 19.37
N PRO A 124 8.61 23.32 20.60
CA PRO A 124 7.59 22.86 21.54
C PRO A 124 6.47 23.82 21.87
N LYS A 125 6.69 25.10 21.63
CA LYS A 125 5.65 26.05 21.98
C LYS A 125 5.00 26.76 20.79
N THR A 126 5.39 26.36 19.59
CA THR A 126 4.81 26.97 18.39
C THR A 126 4.31 25.92 17.40
N LEU A 127 4.67 24.66 17.60
CA LEU A 127 4.19 23.58 16.74
C LEU A 127 3.44 22.61 17.65
N PHE A 128 2.13 22.49 17.42
CA PHE A 128 1.30 21.61 18.22
C PHE A 128 0.72 20.48 17.39
N LEU A 129 0.69 19.31 18.00
CA LEU A 129 0.16 18.10 17.40
C LEU A 129 -0.98 17.61 18.26
N LEU A 130 -2.11 17.30 17.63
CA LEU A 130 -3.30 16.82 18.31
C LEU A 130 -3.46 15.33 17.97
N ARG A 131 -4.27 14.60 18.73
CA ARG A 131 -4.45 13.18 18.45
C ARG A 131 -5.55 12.91 17.43
N GLY A 132 -5.31 11.95 16.55
CA GLY A 132 -6.30 11.59 15.55
C GLY A 132 -6.68 10.15 15.75
N ASN A 133 -7.81 9.71 15.20
CA ASN A 133 -8.25 8.33 15.37
C ASN A 133 -7.29 7.22 14.94
N HIS A 134 -6.31 7.57 14.11
CA HIS A 134 -5.32 6.62 13.62
C HIS A 134 -4.12 6.45 14.53
N GLU A 135 -3.92 7.41 15.42
CA GLU A 135 -2.80 7.34 16.34
C GLU A 135 -3.18 6.44 17.51
N CYS A 136 -3.32 5.15 17.20
CA CYS A 136 -3.71 4.16 18.18
C CYS A 136 -3.22 2.80 17.76
N ARG A 137 -3.44 1.79 18.60
CA ARG A 137 -3.01 0.42 18.31
C ARG A 137 -3.93 -0.35 17.36
N HIS A 138 -5.23 -0.37 17.65
CA HIS A 138 -6.14 -1.10 16.79
C HIS A 138 -6.10 -0.69 15.33
N LEU A 139 -6.00 0.61 15.04
CA LEU A 139 -5.96 1.04 13.63
C LEU A 139 -4.63 0.78 12.92
N THR A 140 -3.51 0.94 13.63
CA THR A 140 -2.18 0.74 13.06
C THR A 140 -1.84 -0.74 12.81
N GLU A 141 -2.45 -1.63 13.58
CA GLU A 141 -2.24 -3.06 13.44
C GLU A 141 -3.04 -3.48 12.21
N TYR A 142 -4.22 -2.89 12.07
CA TYR A 142 -5.17 -3.13 10.97
C TYR A 142 -4.59 -2.61 9.66
N PHE A 143 -4.20 -1.35 9.67
CA PHE A 143 -3.61 -0.77 8.48
C PHE A 143 -2.12 -1.07 8.42
N THR A 144 -1.42 -0.42 7.50
CA THR A 144 0.01 -0.66 7.31
C THR A 144 1.09 -0.01 8.22
N PHE A 145 0.75 0.65 9.31
CA PHE A 145 1.77 1.29 10.15
C PHE A 145 2.68 0.32 10.92
N LYS A 146 2.10 -0.66 11.60
CA LYS A 146 2.87 -1.65 12.36
C LYS A 146 3.82 -2.37 11.41
N GLN A 147 3.28 -2.86 10.30
CA GLN A 147 4.07 -3.56 9.28
C GLN A 147 5.20 -2.64 8.83
N GLU A 148 4.90 -1.35 8.68
CA GLU A 148 5.90 -0.38 8.23
C GLU A 148 7.05 -0.27 9.22
N CYS A 149 6.73 -0.09 10.49
CA CYS A 149 7.76 -0.01 11.52
C CYS A 149 8.63 -1.25 11.56
N LYS A 150 8.06 -2.41 11.24
CA LYS A 150 8.81 -3.65 11.26
C LYS A 150 9.73 -3.78 10.05
N ILE A 151 9.29 -3.27 8.91
CA ILE A 151 10.07 -3.33 7.67
C ILE A 151 11.20 -2.31 7.69
N LYS A 152 10.92 -1.10 8.17
CA LYS A 152 11.93 -0.06 8.19
C LYS A 152 12.76 -0.04 9.46
N TYR A 153 12.14 -0.29 10.61
CA TYR A 153 12.88 -0.30 11.84
C TYR A 153 12.63 -1.58 12.61
N SER A 154 11.80 -1.51 13.64
CA SER A 154 11.48 -2.66 14.44
C SER A 154 10.23 -2.37 15.25
N GLU A 155 9.75 -3.38 15.95
CA GLU A 155 8.58 -3.25 16.79
C GLU A 155 8.93 -2.39 18.01
N ARG A 156 10.22 -2.23 18.32
CA ARG A 156 10.60 -1.40 19.45
C ARG A 156 10.17 0.03 19.15
N VAL A 157 10.46 0.48 17.93
CA VAL A 157 10.10 1.81 17.44
C VAL A 157 8.58 1.92 17.45
N TYR A 158 7.92 0.89 16.93
CA TYR A 158 6.45 0.83 16.88
C TYR A 158 5.84 1.07 18.24
N ASP A 159 6.29 0.29 19.24
CA ASP A 159 5.80 0.40 20.60
C ASP A 159 6.05 1.82 21.13
N ALA A 160 7.21 2.38 20.79
CA ALA A 160 7.56 3.73 21.22
C ALA A 160 6.52 4.71 20.69
N CYS A 161 6.17 4.57 19.41
CA CYS A 161 5.19 5.44 18.79
C CYS A 161 3.85 5.29 19.49
N MET A 162 3.46 4.05 19.80
CA MET A 162 2.18 3.78 20.48
C MET A 162 2.08 4.53 21.79
N ASP A 163 3.11 4.41 22.61
CA ASP A 163 3.13 5.09 23.90
C ASP A 163 3.20 6.60 23.71
N ALA A 164 3.83 7.04 22.62
CA ALA A 164 3.94 8.48 22.33
C ALA A 164 2.57 9.00 21.92
N PHE A 165 1.88 8.24 21.09
CA PHE A 165 0.56 8.60 20.61
C PHE A 165 -0.39 8.82 21.78
N ASP A 166 -0.22 8.04 22.86
CA ASP A 166 -1.07 8.17 24.05
C ASP A 166 -0.85 9.50 24.75
N CYS A 167 0.22 10.21 24.38
CA CYS A 167 0.54 11.49 24.96
C CYS A 167 0.01 12.65 24.15
N LEU A 168 -0.54 12.36 22.98
CA LEU A 168 -1.05 13.42 22.12
C LEU A 168 -2.25 14.13 22.66
N PRO A 169 -2.20 15.48 22.72
CA PRO A 169 -3.36 16.22 23.22
C PRO A 169 -4.62 15.84 22.42
N LEU A 170 -5.78 16.01 23.03
CA LEU A 170 -7.06 15.67 22.41
C LEU A 170 -7.69 16.81 21.63
N ALA A 171 -7.48 18.04 22.08
CA ALA A 171 -8.09 19.20 21.42
C ALA A 171 -7.30 20.48 21.62
N ALA A 172 -7.80 21.56 21.00
CA ALA A 172 -7.16 22.88 21.11
C ALA A 172 -8.19 24.00 21.07
N LEU A 173 -8.02 24.98 21.93
CA LEU A 173 -8.90 26.14 21.99
C LEU A 173 -8.12 27.26 21.29
N MET A 174 -8.36 27.44 20.00
CA MET A 174 -7.61 28.44 19.28
C MET A 174 -8.21 29.86 19.25
N ASN A 175 -7.45 30.78 19.83
CA ASN A 175 -7.77 32.22 19.94
C ASN A 175 -9.03 32.52 20.73
N GLN A 176 -9.34 31.69 21.72
CA GLN A 176 -10.52 31.86 22.55
C GLN A 176 -11.78 31.80 21.68
N GLN A 177 -11.66 31.21 20.49
CA GLN A 177 -12.80 31.16 19.57
C GLN A 177 -13.19 29.82 18.97
N PHE A 178 -12.21 29.07 18.52
CA PHE A 178 -12.48 27.78 17.89
C PHE A 178 -12.13 26.57 18.75
N LEU A 179 -12.91 25.50 18.59
CA LEU A 179 -12.66 24.23 19.27
C LEU A 179 -12.09 23.39 18.13
N CYS A 180 -10.82 23.05 18.25
CA CYS A 180 -10.12 22.27 17.26
C CYS A 180 -9.94 20.85 17.76
N VAL A 181 -10.46 19.90 17.00
CA VAL A 181 -10.40 18.48 17.32
C VAL A 181 -10.28 17.76 15.99
N HIS A 182 -10.03 16.47 16.04
CA HIS A 182 -9.89 15.71 14.82
C HIS A 182 -11.22 15.22 14.26
N GLY A 183 -12.08 14.69 15.13
CA GLY A 183 -13.38 14.20 14.71
C GLY A 183 -14.50 15.19 14.94
N GLY A 184 -14.73 15.57 16.18
CA GLY A 184 -15.78 16.52 16.46
C GLY A 184 -16.41 16.47 17.84
N LEU A 185 -17.73 16.65 17.86
CA LEU A 185 -18.49 16.65 19.10
C LEU A 185 -18.82 15.28 19.67
N SER A 186 -19.29 15.28 20.91
CA SER A 186 -19.66 14.07 21.64
C SER A 186 -20.86 14.38 22.52
N PRO A 187 -21.74 13.39 22.73
CA PRO A 187 -22.91 13.59 23.57
C PRO A 187 -22.51 13.84 25.01
N GLU A 188 -21.38 13.26 25.42
CA GLU A 188 -20.92 13.38 26.80
C GLU A 188 -19.95 14.53 27.03
N ILE A 189 -19.85 15.43 26.07
CA ILE A 189 -18.99 16.61 26.15
C ILE A 189 -19.84 17.82 25.84
N ASN A 190 -20.30 18.52 26.87
CA ASN A 190 -21.15 19.69 26.65
C ASN A 190 -20.44 21.00 26.98
N THR A 191 -19.21 20.88 27.47
CA THR A 191 -18.40 22.04 27.82
C THR A 191 -16.94 21.68 27.66
N LEU A 192 -16.08 22.69 27.61
CA LEU A 192 -14.65 22.51 27.46
C LEU A 192 -14.05 21.74 28.65
N ASP A 193 -14.62 21.93 29.85
CA ASP A 193 -14.17 21.24 31.04
C ASP A 193 -14.34 19.74 30.93
N ASP A 194 -15.36 19.31 30.19
CA ASP A 194 -15.62 17.90 30.01
C ASP A 194 -14.45 17.23 29.30
N ILE A 195 -13.76 18.00 28.45
CA ILE A 195 -12.59 17.50 27.72
C ILE A 195 -11.42 17.47 28.70
N ARG A 196 -11.26 18.54 29.47
CA ARG A 196 -10.19 18.64 30.46
C ARG A 196 -10.19 17.50 31.47
N LYS A 197 -11.38 17.10 31.89
CA LYS A 197 -11.53 16.04 32.88
C LYS A 197 -11.41 14.62 32.34
N LEU A 198 -10.93 14.47 31.11
CA LEU A 198 -10.76 13.16 30.53
C LEU A 198 -9.36 12.62 30.79
N ASP A 199 -9.21 11.30 30.84
CA ASP A 199 -7.90 10.70 31.01
C ASP A 199 -7.52 10.39 29.56
N ARG A 200 -6.50 11.09 29.09
CA ARG A 200 -5.99 11.01 27.74
C ARG A 200 -5.01 9.86 27.52
N PHE A 201 -4.15 9.65 28.49
CA PHE A 201 -3.11 8.63 28.41
C PHE A 201 -3.51 7.16 28.34
N LYS A 202 -4.09 6.76 27.22
CA LYS A 202 -4.52 5.39 27.02
C LYS A 202 -4.90 5.15 25.56
N GLU A 203 -5.28 3.91 25.27
CA GLU A 203 -5.75 3.56 23.94
C GLU A 203 -7.20 4.08 23.98
N PRO A 204 -7.66 4.79 22.93
CA PRO A 204 -9.02 5.31 22.91
C PRO A 204 -10.02 4.19 23.13
N PRO A 205 -10.99 4.41 24.04
CA PRO A 205 -12.03 3.44 24.39
C PRO A 205 -12.93 3.09 23.20
N ALA A 206 -13.65 1.99 23.35
CA ALA A 206 -14.58 1.49 22.33
C ALA A 206 -15.74 2.47 22.11
N TYR A 207 -15.90 3.39 23.04
CA TYR A 207 -16.96 4.38 22.99
C TYR A 207 -16.70 5.36 24.12
N GLY A 208 -17.43 6.46 24.17
CA GLY A 208 -17.22 7.45 25.22
C GLY A 208 -16.69 8.76 24.67
N PRO A 209 -16.55 9.79 25.51
CA PRO A 209 -16.05 11.12 25.14
C PRO A 209 -14.76 11.15 24.31
N MET A 210 -13.71 10.48 24.79
CA MET A 210 -12.43 10.43 24.08
C MET A 210 -12.58 9.77 22.70
N CYS A 211 -13.40 8.74 22.62
CA CYS A 211 -13.61 8.05 21.35
C CYS A 211 -14.27 9.00 20.37
N ASP A 212 -15.35 9.63 20.81
CA ASP A 212 -16.10 10.57 19.98
C ASP A 212 -15.23 11.70 19.42
N ILE A 213 -14.48 12.38 20.28
CA ILE A 213 -13.61 13.49 19.87
C ILE A 213 -12.79 13.10 18.64
N LEU A 214 -12.23 11.90 18.69
CA LEU A 214 -11.39 11.35 17.64
C LEU A 214 -12.14 10.78 16.45
N TRP A 215 -13.38 10.33 16.67
CA TRP A 215 -14.19 9.70 15.61
C TRP A 215 -15.41 10.37 15.00
N SER A 216 -15.98 11.39 15.66
CA SER A 216 -17.19 12.04 15.12
C SER A 216 -17.13 12.62 13.72
N ASP A 217 -18.32 12.74 13.11
CA ASP A 217 -18.49 13.30 11.77
C ASP A 217 -19.81 14.07 11.77
N PRO A 218 -19.93 15.12 10.96
CA PRO A 218 -21.20 15.86 10.94
C PRO A 218 -22.17 14.97 10.12
N LEU A 219 -23.48 15.17 10.23
CA LEU A 219 -24.41 14.36 9.44
C LEU A 219 -24.09 14.58 7.96
N GLU A 220 -24.39 13.60 7.12
CA GLU A 220 -24.16 13.77 5.69
C GLU A 220 -25.03 14.93 5.19
N ASP A 221 -25.94 15.40 6.04
CA ASP A 221 -26.86 16.49 5.70
C ASP A 221 -26.84 17.56 6.78
N PHE A 222 -25.65 18.02 7.13
CA PHE A 222 -25.43 19.03 8.18
C PHE A 222 -26.22 20.37 8.12
N GLY A 223 -27.25 20.48 7.30
CA GLY A 223 -27.97 21.74 7.23
C GLY A 223 -29.43 21.53 6.96
N ASN A 224 -29.75 20.98 5.79
CA ASN A 224 -31.15 20.77 5.45
C ASN A 224 -31.71 19.46 5.99
N GLU A 225 -31.83 19.40 7.32
CA GLU A 225 -32.38 18.23 8.01
C GLU A 225 -33.85 18.49 8.32
N LYS A 226 -34.60 17.42 8.58
CA LYS A 226 -36.01 17.51 8.93
C LYS A 226 -36.24 17.18 10.41
N THR A 227 -35.35 16.35 10.96
CA THR A 227 -35.44 15.88 12.35
C THR A 227 -34.96 16.80 13.47
N GLN A 228 -33.69 17.21 13.41
CA GLN A 228 -33.03 18.07 14.39
C GLN A 228 -32.52 17.25 15.58
N GLU A 229 -32.19 15.99 15.30
CA GLU A 229 -31.64 15.06 16.29
C GLU A 229 -30.20 15.55 16.49
N HIS A 230 -29.75 15.66 17.73
CA HIS A 230 -28.39 16.13 17.98
C HIS A 230 -27.30 15.14 17.57
N PHE A 231 -27.33 13.96 18.18
CA PHE A 231 -26.35 12.93 17.88
C PHE A 231 -27.08 11.67 17.46
N THR A 232 -26.47 10.93 16.55
CA THR A 232 -27.03 9.71 16.03
C THR A 232 -25.83 8.82 15.83
N HIS A 233 -26.03 7.52 15.87
CA HIS A 233 -24.89 6.66 15.68
C HIS A 233 -24.36 6.73 14.28
N ASN A 234 -23.03 6.72 14.21
CA ASN A 234 -22.32 6.82 12.97
C ASN A 234 -22.19 5.46 12.29
N THR A 235 -23.14 5.18 11.41
CA THR A 235 -23.16 3.92 10.68
C THR A 235 -21.97 3.75 9.76
N VAL A 236 -21.33 4.84 9.39
CA VAL A 236 -20.18 4.74 8.52
C VAL A 236 -18.98 4.19 9.27
N ARG A 237 -18.67 4.84 10.39
CA ARG A 237 -17.54 4.48 11.23
C ARG A 237 -17.65 3.18 11.99
N GLY A 238 -18.88 2.68 12.15
CA GLY A 238 -19.07 1.47 12.91
C GLY A 238 -18.84 1.78 14.38
N CYS A 239 -18.88 3.06 14.72
CA CYS A 239 -18.68 3.52 16.08
C CYS A 239 -18.87 5.04 16.14
N SER A 240 -18.96 5.56 17.36
CA SER A 240 -19.15 6.98 17.60
C SER A 240 -20.45 7.52 16.99
N TYR A 241 -20.47 8.81 16.68
CA TYR A 241 -21.65 9.47 16.17
C TYR A 241 -21.56 10.36 14.92
N PHE A 242 -22.69 10.96 14.62
CA PHE A 242 -22.90 11.90 13.53
C PHE A 242 -23.51 13.06 14.31
N TYR A 243 -22.99 14.27 14.16
CA TYR A 243 -23.58 15.41 14.88
C TYR A 243 -24.26 16.37 13.91
N SER A 244 -25.29 17.03 14.40
CA SER A 244 -26.09 17.95 13.59
C SER A 244 -25.68 19.42 13.66
N TYR A 245 -26.26 20.21 12.75
CA TYR A 245 -26.01 21.65 12.72
C TYR A 245 -26.59 22.23 14.00
N PRO A 246 -27.78 21.77 14.42
CA PRO A 246 -28.32 22.31 15.67
C PRO A 246 -27.42 21.91 16.83
N ALA A 247 -26.83 20.71 16.74
CA ALA A 247 -25.90 20.20 17.77
C ALA A 247 -24.68 21.11 17.88
N VAL A 248 -24.03 21.37 16.75
CA VAL A 248 -22.86 22.26 16.69
C VAL A 248 -23.28 23.67 17.13
N CYS A 249 -24.42 24.15 16.67
CA CYS A 249 -24.88 25.48 17.06
C CYS A 249 -25.21 25.53 18.55
N GLU A 250 -25.53 24.38 19.14
CA GLU A 250 -25.83 24.32 20.57
C GLU A 250 -24.53 24.33 21.38
N PHE A 251 -23.53 23.58 20.94
CA PHE A 251 -22.24 23.55 21.61
C PHE A 251 -21.63 24.95 21.53
N LEU A 252 -21.62 25.51 20.33
CA LEU A 252 -21.06 26.83 20.10
C LEU A 252 -21.67 27.91 20.99
N GLN A 253 -23.00 28.07 20.93
CA GLN A 253 -23.68 29.08 21.73
C GLN A 253 -23.42 28.87 23.21
N HIS A 254 -23.51 27.62 23.64
CA HIS A 254 -23.32 27.27 25.04
C HIS A 254 -21.93 27.55 25.59
N ASN A 255 -20.92 27.33 24.77
CA ASN A 255 -19.56 27.55 25.23
C ASN A 255 -18.98 28.84 24.68
N ASN A 256 -19.83 29.62 24.01
CA ASN A 256 -19.46 30.90 23.45
C ASN A 256 -18.26 30.80 22.52
N LEU A 257 -18.33 29.84 21.60
CA LEU A 257 -17.27 29.60 20.62
C LEU A 257 -17.74 30.06 19.25
N LEU A 258 -16.82 30.37 18.37
CA LEU A 258 -17.16 30.82 17.04
C LEU A 258 -17.50 29.64 16.12
N SER A 259 -16.61 28.66 16.04
CA SER A 259 -16.82 27.51 15.17
C SER A 259 -15.96 26.34 15.61
N ILE A 260 -16.26 25.15 15.07
CA ILE A 260 -15.53 23.92 15.36
C ILE A 260 -14.66 23.58 14.15
N LEU A 261 -13.34 23.70 14.29
CA LEU A 261 -12.40 23.38 13.21
C LEU A 261 -11.98 21.93 13.40
N ARG A 262 -12.04 21.14 12.34
CA ARG A 262 -11.68 19.74 12.41
C ARG A 262 -11.23 19.19 11.06
N ALA A 263 -10.92 17.90 11.03
CA ALA A 263 -10.43 17.24 9.82
C ALA A 263 -11.15 15.91 9.74
N HIS A 264 -10.44 14.78 9.62
CA HIS A 264 -11.09 13.47 9.65
C HIS A 264 -11.83 13.03 8.38
N GLU A 265 -12.17 13.96 7.50
CA GLU A 265 -12.91 13.62 6.29
C GLU A 265 -12.33 14.17 5.00
N ALA A 266 -11.91 13.29 4.10
CA ALA A 266 -11.34 13.69 2.79
C ALA A 266 -12.26 14.67 2.07
N GLN A 267 -11.64 15.70 1.49
CA GLN A 267 -12.37 16.73 0.77
C GLN A 267 -11.67 16.91 -0.55
N ASP A 268 -12.42 17.07 -1.63
CA ASP A 268 -11.80 17.22 -2.94
C ASP A 268 -11.05 18.52 -3.11
N ALA A 269 -11.44 19.52 -2.33
CA ALA A 269 -10.84 20.84 -2.36
C ALA A 269 -9.94 21.05 -1.15
N GLY A 270 -9.73 19.97 -0.40
CA GLY A 270 -8.89 20.05 0.78
C GLY A 270 -9.55 20.71 1.96
N TYR A 271 -10.81 21.10 1.82
CA TYR A 271 -11.53 21.73 2.92
C TYR A 271 -13.00 21.81 2.62
N ARG A 272 -13.78 22.17 3.63
CA ARG A 272 -15.23 22.31 3.50
C ARG A 272 -15.76 23.26 4.57
N MET A 273 -16.47 24.29 4.14
CA MET A 273 -17.07 25.28 5.04
C MET A 273 -18.51 24.83 5.20
N TYR A 274 -18.98 24.66 6.43
CA TYR A 274 -20.35 24.21 6.60
C TYR A 274 -21.29 25.35 6.88
N ARG A 275 -22.57 25.03 6.88
CA ARG A 275 -23.64 26.00 7.15
C ARG A 275 -23.20 27.01 8.21
N LYS A 276 -23.40 28.28 7.93
CA LYS A 276 -22.98 29.31 8.87
C LYS A 276 -24.01 29.65 9.92
N SER A 277 -23.53 30.30 10.97
CA SER A 277 -24.37 30.69 12.08
C SER A 277 -25.24 31.87 11.63
N GLN A 278 -26.51 31.88 12.02
CA GLN A 278 -27.40 32.96 11.63
C GLN A 278 -27.05 34.27 12.35
N THR A 279 -26.30 34.15 13.45
CA THR A 279 -25.90 35.32 14.21
C THR A 279 -24.63 35.89 13.59
N THR A 280 -23.56 35.11 13.59
CA THR A 280 -22.27 35.50 13.03
C THR A 280 -22.26 34.96 11.60
N GLY A 281 -21.72 35.71 10.64
CA GLY A 281 -21.70 35.20 9.27
C GLY A 281 -20.56 34.24 9.02
N PHE A 282 -20.23 33.46 10.05
CA PHE A 282 -19.12 32.52 10.00
C PHE A 282 -19.60 31.07 10.01
N PRO A 283 -18.92 30.19 9.28
CA PRO A 283 -19.30 28.78 9.23
C PRO A 283 -19.29 28.14 10.62
N SER A 284 -20.35 27.39 10.95
CA SER A 284 -20.46 26.75 12.27
C SER A 284 -19.44 25.61 12.42
N LEU A 285 -19.04 25.04 11.28
CA LEU A 285 -18.07 23.94 11.23
C LEU A 285 -17.14 24.08 10.01
N ILE A 286 -15.92 23.59 10.17
CA ILE A 286 -14.91 23.61 9.12
C ILE A 286 -14.11 22.30 9.11
N THR A 287 -13.94 21.73 7.93
CA THR A 287 -13.17 20.51 7.76
C THR A 287 -11.98 20.94 6.94
N ILE A 288 -10.78 20.62 7.42
CA ILE A 288 -9.53 20.94 6.74
C ILE A 288 -8.87 19.59 6.50
N PHE A 289 -8.45 19.33 5.26
CA PHE A 289 -7.84 18.06 4.91
C PHE A 289 -6.53 18.35 4.20
N SER A 290 -5.41 17.90 4.79
CA SER A 290 -4.09 18.18 4.24
C SER A 290 -3.35 17.08 3.47
N ALA A 291 -4.09 16.10 2.96
CA ALA A 291 -3.52 15.00 2.20
C ALA A 291 -4.05 15.06 0.74
N PRO A 292 -3.27 15.66 -0.18
CA PRO A 292 -3.68 15.75 -1.59
C PRO A 292 -3.57 14.40 -2.26
N ASN A 293 -4.36 14.17 -3.30
CA ASN A 293 -4.39 12.89 -4.02
C ASN A 293 -4.37 11.74 -3.02
N TYR A 294 -5.32 11.79 -2.09
CA TYR A 294 -5.47 10.80 -1.01
C TYR A 294 -5.41 9.36 -1.49
N LEU A 295 -4.61 8.55 -0.80
CA LEU A 295 -4.44 7.14 -1.12
C LEU A 295 -4.00 6.97 -2.56
N ASP A 296 -3.47 8.03 -3.17
CA ASP A 296 -3.03 7.98 -4.57
C ASP A 296 -4.23 7.70 -5.48
N VAL A 297 -5.43 7.64 -4.89
CA VAL A 297 -6.65 7.33 -5.62
C VAL A 297 -7.48 8.60 -5.83
N TYR A 298 -7.95 9.17 -4.71
CA TYR A 298 -8.74 10.39 -4.74
C TYR A 298 -7.88 11.41 -5.46
N ASN A 299 -8.45 12.22 -6.35
CA ASN A 299 -7.62 13.19 -7.04
C ASN A 299 -7.81 14.57 -6.42
N ASN A 300 -7.99 14.59 -5.11
CA ASN A 300 -8.23 15.81 -4.35
C ASN A 300 -7.05 16.72 -4.10
N LYS A 301 -7.36 17.98 -3.83
CA LYS A 301 -6.37 18.96 -3.48
C LYS A 301 -6.32 18.92 -1.96
N ALA A 302 -5.25 19.43 -1.36
CA ALA A 302 -5.17 19.48 0.09
C ALA A 302 -5.17 20.94 0.45
N ALA A 303 -5.23 21.25 1.73
CA ALA A 303 -5.24 22.64 2.15
C ALA A 303 -4.83 22.84 3.59
N VAL A 304 -4.49 24.08 3.94
CA VAL A 304 -4.11 24.48 5.29
C VAL A 304 -4.84 25.77 5.61
N LEU A 305 -5.38 25.86 6.82
CA LEU A 305 -6.07 27.05 7.27
C LEU A 305 -5.01 27.98 7.83
N LYS A 306 -5.05 29.25 7.43
CA LYS A 306 -4.13 30.24 7.93
C LYS A 306 -4.96 31.35 8.57
N TYR A 307 -4.97 31.38 9.91
CA TYR A 307 -5.74 32.37 10.67
C TYR A 307 -4.86 33.47 11.21
N GLU A 308 -5.16 34.71 10.82
CA GLU A 308 -4.38 35.86 11.25
C GLU A 308 -5.17 37.14 11.14
N ASN A 309 -4.91 38.07 12.05
CA ASN A 309 -5.55 39.38 12.06
C ASN A 309 -7.02 39.30 11.70
N ASN A 310 -7.72 38.39 12.36
CA ASN A 310 -9.14 38.18 12.11
C ASN A 310 -9.49 37.77 10.68
N VAL A 311 -8.62 36.98 10.06
CA VAL A 311 -8.86 36.52 8.69
C VAL A 311 -8.49 35.05 8.58
N MET A 312 -9.45 34.26 8.11
CA MET A 312 -9.29 32.83 7.93
C MET A 312 -9.09 32.61 6.43
N ASN A 313 -7.85 32.49 6.02
CA ASN A 313 -7.47 32.31 4.63
C ASN A 313 -7.13 30.84 4.40
N ILE A 314 -7.72 30.23 3.37
CA ILE A 314 -7.45 28.83 3.05
C ILE A 314 -6.47 28.71 1.89
N ARG A 315 -5.35 28.05 2.12
CA ARG A 315 -4.36 27.84 1.06
C ARG A 315 -4.42 26.41 0.55
N GLN A 316 -4.59 26.24 -0.76
CA GLN A 316 -4.65 24.91 -1.36
C GLN A 316 -3.32 24.48 -1.97
N PHE A 317 -3.09 23.16 -1.99
CA PHE A 317 -1.89 22.59 -2.60
C PHE A 317 -2.14 21.23 -3.26
N ASN A 318 -1.29 20.92 -4.24
CA ASN A 318 -1.42 19.68 -4.98
C ASN A 318 -0.41 18.64 -4.56
N CYS A 319 -0.60 17.45 -5.09
CA CYS A 319 0.24 16.31 -4.79
C CYS A 319 1.65 16.55 -5.23
N SER A 320 2.56 15.81 -4.61
CA SER A 320 3.97 15.88 -4.91
C SER A 320 4.41 14.43 -5.13
N PRO A 321 5.43 14.22 -5.97
CA PRO A 321 5.95 12.89 -6.29
C PRO A 321 6.45 12.15 -5.06
N HIS A 322 6.40 10.82 -5.12
CA HIS A 322 6.90 10.02 -4.02
C HIS A 322 7.28 8.63 -4.52
N PRO A 323 8.27 7.98 -3.88
CA PRO A 323 8.72 6.63 -4.27
C PRO A 323 7.61 5.57 -4.21
N TYR A 324 7.80 4.47 -4.94
CA TYR A 324 6.85 3.38 -4.98
C TYR A 324 7.16 2.22 -4.02
N TRP A 325 6.11 1.78 -3.33
CA TRP A 325 6.19 0.67 -2.40
C TRP A 325 5.09 -0.31 -2.82
N LEU A 326 5.40 -1.59 -2.94
CA LEU A 326 4.37 -2.56 -3.32
C LEU A 326 3.34 -2.60 -2.19
N PRO A 327 2.10 -3.01 -2.50
CA PRO A 327 1.07 -3.08 -1.47
C PRO A 327 1.59 -3.83 -0.24
N ASN A 328 1.28 -3.30 0.94
CA ASN A 328 1.70 -3.88 2.22
C ASN A 328 3.20 -4.15 2.44
N PHE A 329 4.06 -3.38 1.76
CA PHE A 329 5.52 -3.50 1.86
C PHE A 329 6.06 -4.86 1.43
N MET A 330 5.26 -5.55 0.65
CA MET A 330 5.56 -6.87 0.13
C MET A 330 6.75 -6.73 -0.80
N ASP A 331 7.65 -7.71 -0.75
CA ASP A 331 8.85 -7.70 -1.58
C ASP A 331 8.61 -8.32 -2.95
N VAL A 332 9.43 -7.93 -3.92
CA VAL A 332 9.29 -8.42 -5.28
C VAL A 332 9.24 -9.93 -5.44
N PHE A 333 9.93 -10.68 -4.57
CA PHE A 333 9.93 -12.15 -4.63
C PHE A 333 8.53 -12.65 -4.26
N THR A 334 8.06 -12.33 -3.06
CA THR A 334 6.74 -12.72 -2.59
C THR A 334 5.67 -12.26 -3.57
N TRP A 335 5.97 -11.15 -4.25
CA TRP A 335 5.06 -10.57 -5.22
C TRP A 335 4.99 -11.35 -6.53
N SER A 336 6.15 -11.73 -7.06
CA SER A 336 6.23 -12.43 -8.32
C SER A 336 6.08 -13.93 -8.29
N LEU A 337 6.47 -14.55 -7.18
CA LEU A 337 6.41 -16.00 -7.07
C LEU A 337 5.14 -16.74 -7.49
N PRO A 338 3.98 -16.36 -6.93
CA PRO A 338 2.77 -17.08 -7.34
C PRO A 338 2.58 -17.08 -8.86
N PHE A 339 2.95 -15.98 -9.50
CA PHE A 339 2.82 -15.87 -10.94
C PHE A 339 3.87 -16.74 -11.62
N VAL A 340 5.08 -16.75 -11.05
CA VAL A 340 6.18 -17.56 -11.59
C VAL A 340 5.79 -19.03 -11.51
N GLY A 341 5.18 -19.43 -10.40
CA GLY A 341 4.77 -20.79 -10.26
C GLY A 341 3.76 -21.14 -11.32
N GLU A 342 2.68 -20.34 -11.39
CA GLU A 342 1.59 -20.53 -12.33
C GLU A 342 1.99 -20.73 -13.78
N LYS A 343 2.75 -19.78 -14.28
CA LYS A 343 3.21 -19.82 -15.64
C LYS A 343 4.19 -20.98 -15.91
N VAL A 344 5.17 -21.17 -15.03
CA VAL A 344 6.15 -22.24 -15.18
C VAL A 344 5.44 -23.59 -15.27
N THR A 345 4.45 -23.78 -14.39
CA THR A 345 3.66 -25.01 -14.38
C THR A 345 2.84 -25.08 -15.66
N GLU A 346 2.26 -23.95 -16.07
CA GLU A 346 1.46 -23.89 -17.29
C GLU A 346 2.27 -24.29 -18.53
N MET A 347 3.52 -23.84 -18.61
CA MET A 347 4.37 -24.20 -19.75
C MET A 347 4.48 -25.71 -19.86
N LEU A 348 4.76 -26.37 -18.74
CA LEU A 348 4.88 -27.82 -18.73
C LEU A 348 3.56 -28.53 -19.01
N VAL A 349 2.49 -28.08 -18.38
CA VAL A 349 1.18 -28.68 -18.61
C VAL A 349 0.90 -28.66 -20.12
N ASN A 350 1.10 -27.50 -20.73
CA ASN A 350 0.90 -27.34 -22.17
C ASN A 350 1.84 -28.27 -22.94
N VAL A 351 3.10 -28.29 -22.52
CA VAL A 351 4.11 -29.12 -23.16
C VAL A 351 3.83 -30.62 -23.06
N LEU A 352 3.30 -31.05 -21.92
CA LEU A 352 2.99 -32.47 -21.74
C LEU A 352 1.71 -32.86 -22.45
N ASN A 353 0.74 -31.95 -22.48
CA ASN A 353 -0.54 -32.24 -23.12
C ASN A 353 -0.51 -32.45 -24.62
N ILE A 354 0.69 -32.61 -25.19
CA ILE A 354 0.79 -32.85 -26.63
C ILE A 354 0.59 -34.35 -26.93
N CYS A 355 -0.15 -35.05 -26.08
CA CYS A 355 -0.41 -36.47 -26.24
C CYS A 355 -1.46 -36.85 -25.20
N GLY B 1 14.78 -38.98 -29.97
CA GLY B 1 14.76 -38.66 -31.43
C GLY B 1 13.88 -39.51 -32.28
N ASN B 2 13.86 -40.84 -32.08
CA ASN B 2 13.02 -41.84 -32.81
C ASN B 2 13.87 -43.12 -32.71
N GLU B 3 15.12 -43.01 -33.18
CA GLU B 3 16.04 -44.14 -33.21
C GLU B 3 17.29 -44.14 -32.33
N ALA B 4 18.09 -45.15 -32.60
CA ALA B 4 19.36 -45.51 -31.95
C ALA B 4 20.43 -44.46 -31.69
N SER B 5 21.49 -44.98 -31.07
CA SER B 5 22.70 -44.26 -30.67
C SER B 5 23.03 -44.89 -29.31
N TYR B 6 24.09 -44.44 -28.65
CA TYR B 6 24.48 -44.99 -27.36
C TYR B 6 23.74 -44.34 -26.17
N PRO B 7 23.48 -45.13 -25.10
CA PRO B 7 22.82 -44.88 -23.83
C PRO B 7 22.79 -43.50 -23.25
N LEU B 8 21.60 -43.14 -22.75
CA LEU B 8 21.39 -41.86 -22.10
C LEU B 8 21.27 -42.21 -20.63
N GLU B 9 22.07 -41.58 -19.79
CA GLU B 9 21.99 -41.84 -18.36
C GLU B 9 21.47 -40.53 -17.74
N MET B 10 20.56 -40.65 -16.78
CA MET B 10 19.96 -39.49 -16.14
C MET B 10 19.58 -39.89 -14.72
N CYS B 11 19.02 -38.95 -13.95
CA CYS B 11 18.58 -39.22 -12.59
C CYS B 11 17.19 -38.60 -12.47
N SER B 12 16.23 -39.31 -11.90
CA SER B 12 14.88 -38.77 -11.78
C SER B 12 13.94 -39.47 -10.81
N HIS B 13 12.71 -38.95 -10.71
CA HIS B 13 11.68 -39.50 -9.84
C HIS B 13 10.83 -40.49 -10.63
N PHE B 14 10.93 -40.41 -11.95
CA PHE B 14 10.12 -41.22 -12.86
C PHE B 14 10.39 -42.72 -12.94
N ASP B 15 9.30 -43.47 -13.10
CA ASP B 15 9.38 -44.91 -13.25
C ASP B 15 9.45 -45.23 -14.74
N ALA B 16 9.70 -46.49 -15.08
CA ALA B 16 9.81 -46.93 -16.46
C ALA B 16 8.75 -46.47 -17.47
N ASP B 17 7.49 -46.37 -17.05
CA ASP B 17 6.42 -45.93 -17.97
C ASP B 17 6.31 -44.42 -18.12
N GLU B 18 6.57 -43.69 -17.02
CA GLU B 18 6.51 -42.22 -17.05
C GLU B 18 7.58 -41.70 -18.00
N ILE B 19 8.72 -42.37 -18.04
CA ILE B 19 9.80 -41.99 -18.96
C ILE B 19 9.37 -42.31 -20.38
N LYS B 20 8.69 -43.45 -20.57
CA LYS B 20 8.23 -43.83 -21.91
C LYS B 20 7.28 -42.74 -22.40
N ARG B 21 6.27 -42.44 -21.58
CA ARG B 21 5.29 -41.41 -21.89
C ARG B 21 5.96 -40.08 -22.24
N LEU B 22 6.83 -39.60 -21.36
CA LEU B 22 7.57 -38.36 -21.59
C LEU B 22 8.38 -38.50 -22.86
N GLY B 23 8.83 -39.72 -23.14
CA GLY B 23 9.62 -39.99 -24.33
C GLY B 23 8.82 -39.74 -25.59
N LYS B 24 7.52 -40.04 -25.54
CA LYS B 24 6.63 -39.84 -26.68
C LYS B 24 6.33 -38.35 -26.87
N ARG B 25 6.22 -37.64 -25.75
CA ARG B 25 5.98 -36.20 -25.74
C ARG B 25 7.19 -35.56 -26.44
N PHE B 26 8.38 -35.85 -25.93
CA PHE B 26 9.63 -35.34 -26.50
C PHE B 26 9.68 -35.68 -27.99
N LYS B 27 9.03 -36.80 -28.33
CA LYS B 27 8.96 -37.24 -29.73
C LYS B 27 8.17 -36.23 -30.57
N LYS B 28 6.89 -36.03 -30.25
CA LYS B 28 6.08 -35.08 -31.00
C LYS B 28 6.82 -33.75 -31.09
N LEU B 29 7.38 -33.34 -29.95
CA LEU B 29 8.11 -32.09 -29.84
C LEU B 29 9.32 -31.95 -30.75
N ASP B 30 9.98 -33.06 -31.05
CA ASP B 30 11.20 -33.06 -31.85
C ASP B 30 11.20 -32.40 -33.23
N LEU B 31 10.01 -32.15 -33.79
CA LEU B 31 9.87 -31.50 -35.11
C LEU B 31 10.96 -31.81 -36.13
N ASP B 32 12.11 -31.12 -36.07
CA ASP B 32 13.15 -31.42 -37.06
C ASP B 32 13.81 -32.80 -36.86
N ASN B 33 13.40 -33.50 -35.81
CA ASN B 33 13.90 -34.84 -35.47
C ASN B 33 15.40 -34.93 -35.17
N SER B 34 15.97 -33.87 -34.62
CA SER B 34 17.41 -33.85 -34.30
C SER B 34 17.77 -34.54 -32.99
N GLY B 35 16.76 -34.94 -32.22
CA GLY B 35 17.03 -35.59 -30.95
C GLY B 35 17.07 -34.57 -29.81
N SER B 36 17.57 -33.37 -30.12
CA SER B 36 17.61 -32.31 -29.12
C SER B 36 16.28 -31.59 -29.26
N LEU B 37 16.19 -30.37 -28.76
CA LEU B 37 14.94 -29.61 -28.81
C LEU B 37 15.30 -28.15 -28.61
N SER B 38 14.85 -27.27 -29.49
CA SER B 38 15.19 -25.86 -29.31
C SER B 38 13.97 -24.97 -29.12
N VAL B 39 14.24 -23.73 -28.71
CA VAL B 39 13.20 -22.74 -28.44
C VAL B 39 12.23 -22.60 -29.61
N GLU B 40 12.75 -22.61 -30.84
CA GLU B 40 11.89 -22.48 -31.99
C GLU B 40 10.82 -23.57 -31.95
N GLU B 41 11.24 -24.77 -31.59
CA GLU B 41 10.32 -25.91 -31.50
C GLU B 41 9.39 -25.87 -30.31
N PHE B 42 9.82 -25.19 -29.24
CA PHE B 42 8.98 -25.10 -28.05
C PHE B 42 7.90 -24.04 -28.33
N MET B 43 8.33 -22.98 -29.01
CA MET B 43 7.52 -21.85 -29.44
C MET B 43 6.49 -22.35 -30.41
N SER B 44 6.74 -23.53 -30.97
CA SER B 44 5.87 -24.20 -31.94
C SER B 44 4.38 -24.25 -31.56
N LEU B 45 4.06 -24.73 -30.36
CA LEU B 45 2.63 -24.86 -30.03
C LEU B 45 1.83 -23.81 -29.29
N PRO B 46 0.50 -23.73 -29.59
CA PRO B 46 -0.50 -22.80 -29.05
C PRO B 46 -0.19 -21.99 -27.75
N GLU B 47 -0.27 -22.63 -26.58
CA GLU B 47 -0.06 -21.91 -25.32
C GLU B 47 1.38 -21.68 -24.81
N LEU B 48 2.33 -21.35 -25.68
CA LEU B 48 3.68 -21.07 -25.29
C LEU B 48 3.97 -19.75 -26.03
N GLN B 49 3.11 -18.76 -25.79
CA GLN B 49 3.18 -17.48 -26.46
C GLN B 49 3.30 -16.35 -25.42
N GLN B 50 2.25 -16.12 -24.64
CA GLN B 50 2.35 -15.14 -23.65
C GLN B 50 2.47 -15.86 -22.33
N ASN B 51 3.60 -16.52 -22.17
CA ASN B 51 3.99 -17.24 -20.98
C ASN B 51 5.37 -16.61 -20.98
N PRO B 52 5.52 -15.48 -20.28
CA PRO B 52 6.80 -14.73 -20.19
C PRO B 52 8.01 -15.52 -19.68
N LEU B 53 7.76 -16.68 -19.07
CA LEU B 53 8.79 -17.52 -18.50
C LEU B 53 9.28 -18.65 -19.40
N VAL B 54 8.69 -18.84 -20.58
CA VAL B 54 9.13 -19.93 -21.46
C VAL B 54 10.61 -20.02 -21.84
N GLN B 55 11.25 -18.88 -22.12
CA GLN B 55 12.67 -18.94 -22.47
C GLN B 55 13.52 -19.15 -21.21
N ARG B 56 12.93 -18.82 -20.07
CA ARG B 56 13.59 -18.99 -18.79
C ARG B 56 13.64 -20.49 -18.48
N VAL B 57 12.51 -21.15 -18.62
CA VAL B 57 12.41 -22.59 -18.36
C VAL B 57 13.38 -23.36 -19.26
N ILE B 58 13.46 -22.96 -20.52
CA ILE B 58 14.36 -23.60 -21.49
C ILE B 58 15.82 -23.51 -21.02
N ASP B 59 16.21 -22.33 -20.54
CA ASP B 59 17.56 -22.08 -20.06
C ASP B 59 17.93 -22.82 -18.77
N ILE B 60 16.96 -23.04 -17.89
CA ILE B 60 17.24 -23.77 -16.65
C ILE B 60 17.38 -25.25 -17.03
N PHE B 61 16.49 -25.72 -17.91
CA PHE B 61 16.50 -27.12 -18.39
C PHE B 61 17.79 -27.42 -19.14
N ASP B 62 18.26 -26.45 -19.88
CA ASP B 62 19.47 -26.52 -20.69
C ASP B 62 20.72 -26.56 -19.79
N THR B 63 20.85 -27.62 -19.00
CA THR B 63 21.97 -27.74 -18.07
C THR B 63 23.34 -27.79 -18.72
N ASP B 64 23.45 -28.29 -19.94
CA ASP B 64 24.77 -28.34 -20.56
C ASP B 64 25.07 -27.03 -21.27
N GLY B 65 24.12 -26.12 -21.20
CA GLY B 65 24.24 -24.80 -21.80
C GLY B 65 24.48 -24.66 -23.28
N ASN B 66 23.83 -25.48 -24.11
CA ASN B 66 24.05 -25.37 -25.55
C ASN B 66 22.85 -24.89 -26.35
N GLY B 67 21.89 -24.27 -25.67
CA GLY B 67 20.71 -23.73 -26.33
C GLY B 67 19.53 -24.64 -26.59
N GLU B 68 19.77 -25.95 -26.58
CA GLU B 68 18.71 -26.90 -26.83
C GLU B 68 18.47 -27.81 -25.62
N VAL B 69 17.26 -28.31 -25.47
CA VAL B 69 16.96 -29.18 -24.37
C VAL B 69 16.99 -30.62 -24.88
N ASP B 70 18.01 -31.39 -24.53
CA ASP B 70 18.06 -32.78 -24.98
C ASP B 70 17.18 -33.64 -24.08
N PHE B 71 16.91 -34.88 -24.47
CA PHE B 71 16.06 -35.76 -23.68
C PHE B 71 16.44 -35.87 -22.20
N LYS B 72 17.72 -36.06 -21.92
CA LYS B 72 18.20 -36.17 -20.53
C LYS B 72 17.78 -34.93 -19.76
N GLU B 73 17.97 -33.78 -20.39
CA GLU B 73 17.59 -32.51 -19.77
C GLU B 73 16.08 -32.39 -19.67
N PHE B 74 15.37 -32.88 -20.68
CA PHE B 74 13.90 -32.86 -20.68
C PHE B 74 13.41 -33.63 -19.44
N ILE B 75 13.92 -34.85 -19.23
CA ILE B 75 13.55 -35.68 -18.07
C ILE B 75 13.95 -35.02 -16.75
N GLU B 76 15.24 -34.70 -16.61
CA GLU B 76 15.76 -34.06 -15.40
C GLU B 76 14.88 -32.85 -15.07
N GLY B 77 14.60 -32.03 -16.09
CA GLY B 77 13.79 -30.84 -15.93
C GLY B 77 12.40 -31.05 -15.38
N VAL B 78 11.61 -31.83 -16.11
CA VAL B 78 10.22 -32.13 -15.71
C VAL B 78 10.14 -32.86 -14.37
N SER B 79 11.23 -33.55 -14.01
CA SER B 79 11.32 -34.28 -12.76
C SER B 79 11.26 -33.33 -11.55
N GLN B 80 11.75 -32.10 -11.70
CA GLN B 80 11.72 -31.13 -10.62
C GLN B 80 10.27 -30.86 -10.23
N PHE B 81 9.40 -30.96 -11.23
CA PHE B 81 7.97 -30.69 -11.07
C PHE B 81 7.07 -31.89 -10.84
N SER B 82 7.65 -33.06 -10.94
CA SER B 82 6.90 -34.29 -10.70
C SER B 82 6.38 -34.23 -9.28
N VAL B 83 5.32 -34.99 -8.99
CA VAL B 83 4.92 -35.07 -7.60
C VAL B 83 6.14 -35.94 -7.13
N LYS B 84 6.27 -36.26 -5.85
CA LYS B 84 7.46 -37.00 -5.42
C LYS B 84 8.66 -36.05 -5.47
N GLY B 85 8.45 -34.85 -6.02
CA GLY B 85 9.52 -33.86 -6.09
C GLY B 85 9.55 -33.14 -4.76
N ASP B 86 10.72 -32.95 -4.19
CA ASP B 86 10.80 -32.28 -2.89
C ASP B 86 10.73 -30.76 -2.98
N LYS B 87 10.12 -30.14 -1.98
CA LYS B 87 9.98 -28.70 -1.92
C LYS B 87 11.26 -27.93 -2.23
N GLU B 88 12.41 -28.47 -1.82
CA GLU B 88 13.69 -27.80 -2.06
C GLU B 88 14.12 -27.73 -3.51
N GLN B 89 13.91 -28.79 -4.29
CA GLN B 89 14.31 -28.75 -5.69
C GLN B 89 13.40 -27.79 -6.46
N LYS B 90 12.20 -27.57 -5.93
CA LYS B 90 11.24 -26.65 -6.53
C LYS B 90 11.59 -25.19 -6.23
N LEU B 91 12.05 -24.91 -5.02
CA LEU B 91 12.44 -23.55 -4.68
C LEU B 91 13.75 -23.21 -5.40
N ARG B 92 14.59 -24.22 -5.59
CA ARG B 92 15.84 -24.04 -6.30
C ARG B 92 15.51 -23.66 -7.74
N PHE B 93 14.50 -24.32 -8.31
CA PHE B 93 14.08 -24.01 -9.66
C PHE B 93 13.65 -22.56 -9.71
N ALA B 94 12.85 -22.15 -8.73
CA ALA B 94 12.36 -20.78 -8.61
C ALA B 94 13.50 -19.79 -8.58
N PHE B 95 14.52 -20.10 -7.80
CA PHE B 95 15.71 -19.25 -7.66
C PHE B 95 16.34 -19.08 -9.03
N ARG B 96 16.37 -20.16 -9.80
CA ARG B 96 16.95 -20.14 -11.14
C ARG B 96 16.20 -19.29 -12.17
N ILE B 97 14.93 -19.00 -11.88
CA ILE B 97 14.11 -18.18 -12.78
C ILE B 97 14.63 -16.73 -12.73
N TYR B 98 15.12 -16.30 -11.56
CA TYR B 98 15.65 -14.94 -11.43
C TYR B 98 17.15 -14.95 -11.66
N ASP B 99 17.82 -15.99 -11.19
CA ASP B 99 19.27 -16.11 -11.37
C ASP B 99 19.61 -16.45 -12.82
N MET B 100 19.58 -15.43 -13.67
CA MET B 100 19.85 -15.58 -15.10
C MET B 100 21.18 -16.23 -15.50
N ASP B 101 22.30 -15.66 -15.09
CA ASP B 101 23.57 -16.25 -15.48
C ASP B 101 24.00 -17.49 -14.68
N LYS B 102 23.07 -18.08 -13.93
CA LYS B 102 23.34 -19.29 -13.18
C LYS B 102 24.52 -19.28 -12.20
N ASP B 103 25.05 -18.13 -11.84
CA ASP B 103 26.18 -18.10 -10.91
C ASP B 103 25.87 -18.22 -9.40
N GLY B 104 24.63 -18.56 -9.06
CA GLY B 104 24.27 -18.70 -7.66
C GLY B 104 23.75 -17.46 -6.96
N TYR B 105 23.75 -16.30 -7.63
CA TYR B 105 23.29 -15.06 -7.01
C TYR B 105 22.35 -14.24 -7.88
N ILE B 106 21.23 -13.78 -7.34
CA ILE B 106 20.32 -12.94 -8.10
C ILE B 106 20.78 -11.49 -7.90
N SER B 107 21.25 -10.88 -8.98
CA SER B 107 21.70 -9.50 -8.92
C SER B 107 20.55 -8.55 -9.27
N ASN B 108 20.72 -7.29 -8.89
CA ASN B 108 19.75 -6.23 -9.13
C ASN B 108 19.23 -6.23 -10.56
N GLY B 109 20.16 -6.22 -11.50
CA GLY B 109 19.80 -6.19 -12.91
C GLY B 109 19.01 -7.40 -13.37
N GLU B 110 19.36 -8.58 -12.87
CA GLU B 110 18.67 -9.80 -13.24
C GLU B 110 17.27 -9.78 -12.68
N LEU B 111 17.15 -9.37 -11.43
CA LEU B 111 15.85 -9.29 -10.78
C LEU B 111 14.94 -8.32 -11.54
N PHE B 112 15.51 -7.24 -12.03
CA PHE B 112 14.75 -6.25 -12.80
C PHE B 112 14.34 -6.81 -14.16
N GLN B 113 15.26 -7.48 -14.84
CA GLN B 113 14.99 -8.06 -16.14
C GLN B 113 13.92 -9.16 -16.10
N VAL B 114 14.08 -10.08 -15.14
CA VAL B 114 13.12 -11.18 -14.97
C VAL B 114 11.73 -10.62 -14.63
N LEU B 115 11.68 -9.62 -13.76
CA LEU B 115 10.39 -9.04 -13.39
C LEU B 115 9.77 -8.25 -14.54
N LYS B 116 10.57 -7.45 -15.23
CA LYS B 116 10.08 -6.66 -16.35
C LYS B 116 9.45 -7.59 -17.39
N MET B 117 10.03 -8.80 -17.50
CA MET B 117 9.58 -9.83 -18.43
C MET B 117 8.12 -10.21 -18.21
N MET B 118 7.72 -10.28 -16.94
CA MET B 118 6.36 -10.65 -16.58
C MET B 118 5.40 -9.49 -16.38
N VAL B 119 5.93 -8.34 -15.94
CA VAL B 119 5.12 -7.16 -15.69
C VAL B 119 4.85 -6.32 -16.92
N GLY B 120 5.84 -6.24 -17.80
CA GLY B 120 5.70 -5.45 -18.99
C GLY B 120 5.48 -3.98 -18.68
N ASN B 121 4.38 -3.44 -19.19
CA ASN B 121 4.05 -2.04 -19.01
C ASN B 121 3.04 -1.77 -17.91
N ASN B 122 2.84 -2.72 -17.00
CA ASN B 122 1.89 -2.51 -15.92
C ASN B 122 2.47 -1.74 -14.75
N LEU B 123 3.76 -1.44 -14.84
CA LEU B 123 4.48 -0.67 -13.83
C LEU B 123 5.52 0.15 -14.59
N LYS B 124 5.76 1.36 -14.11
CA LYS B 124 6.76 2.23 -14.71
C LYS B 124 8.11 1.62 -14.32
N ASP B 125 9.12 1.80 -15.16
CA ASP B 125 10.44 1.26 -14.86
C ASP B 125 11.04 1.86 -13.59
N THR B 126 10.80 3.13 -13.31
CA THR B 126 11.36 3.74 -12.10
C THR B 126 10.73 3.06 -10.89
N GLN B 127 9.45 2.73 -11.01
CA GLN B 127 8.72 2.06 -9.93
C GLN B 127 9.31 0.69 -9.72
N LEU B 128 9.43 -0.07 -10.80
CA LEU B 128 10.01 -1.40 -10.71
C LEU B 128 11.42 -1.35 -10.14
N GLN B 129 12.22 -0.39 -10.61
CA GLN B 129 13.60 -0.25 -10.13
C GLN B 129 13.65 0.09 -8.65
N GLN B 130 12.72 0.95 -8.22
CA GLN B 130 12.64 1.37 -6.82
C GLN B 130 12.38 0.19 -5.91
N ILE B 131 11.39 -0.63 -6.27
CA ILE B 131 11.05 -1.79 -5.45
C ILE B 131 12.08 -2.92 -5.55
N VAL B 132 12.81 -2.97 -6.65
CA VAL B 132 13.84 -3.98 -6.78
C VAL B 132 14.95 -3.58 -5.81
N ASP B 133 15.27 -2.28 -5.78
CA ASP B 133 16.30 -1.76 -4.89
C ASP B 133 15.95 -2.05 -3.44
N LYS B 134 14.72 -1.71 -3.05
CA LYS B 134 14.27 -1.91 -1.68
C LYS B 134 14.15 -3.37 -1.25
N THR B 135 13.88 -4.28 -2.18
CA THR B 135 13.80 -5.71 -1.84
C THR B 135 15.22 -6.25 -1.56
N ILE B 136 16.18 -5.81 -2.37
CA ILE B 136 17.57 -6.23 -2.21
C ILE B 136 18.20 -5.59 -0.97
N ILE B 137 17.84 -4.34 -0.66
CA ILE B 137 18.38 -3.66 0.51
C ILE B 137 18.00 -4.43 1.77
N ASN B 138 16.78 -4.97 1.76
CA ASN B 138 16.25 -5.69 2.91
C ASN B 138 16.58 -7.18 3.02
N ALA B 139 16.64 -7.88 1.90
CA ALA B 139 16.94 -9.31 1.93
C ALA B 139 18.43 -9.62 1.91
N ASP B 140 19.23 -8.64 1.51
CA ASP B 140 20.69 -8.74 1.38
C ASP B 140 21.49 -9.06 2.66
N LYS B 141 20.83 -9.53 3.72
CA LYS B 141 21.47 -9.85 5.01
C LYS B 141 22.98 -10.09 5.06
N ASP B 142 23.55 -10.84 4.11
CA ASP B 142 24.98 -11.11 4.14
C ASP B 142 25.91 -9.99 3.65
N GLY B 143 25.34 -8.92 3.08
CA GLY B 143 26.17 -7.80 2.65
C GLY B 143 26.58 -7.50 1.21
N ASP B 144 26.76 -8.49 0.34
CA ASP B 144 27.21 -8.20 -1.04
C ASP B 144 26.27 -7.55 -2.07
N GLY B 145 25.12 -7.04 -1.64
CA GLY B 145 24.21 -6.41 -2.58
C GLY B 145 23.65 -7.27 -3.71
N ARG B 146 23.53 -8.57 -3.46
CA ARG B 146 22.98 -9.52 -4.43
C ARG B 146 22.41 -10.69 -3.62
N ILE B 147 21.23 -11.16 -4.02
CA ILE B 147 20.55 -12.21 -3.28
C ILE B 147 20.99 -13.64 -3.58
N SER B 148 21.44 -14.34 -2.55
CA SER B 148 21.88 -15.73 -2.63
C SER B 148 20.68 -16.64 -2.36
N PHE B 149 20.85 -17.94 -2.59
CA PHE B 149 19.77 -18.89 -2.37
C PHE B 149 19.34 -18.91 -0.92
N GLU B 150 20.31 -18.66 -0.05
CA GLU B 150 20.08 -18.64 1.39
C GLU B 150 19.13 -17.52 1.79
N GLU B 151 19.34 -16.35 1.21
CA GLU B 151 18.53 -15.17 1.48
C GLU B 151 17.20 -15.23 0.76
N PHE B 152 17.18 -15.79 -0.44
CA PHE B 152 15.96 -15.95 -1.22
C PHE B 152 15.01 -16.78 -0.34
N CYS B 153 15.49 -17.96 0.04
CA CYS B 153 14.73 -18.87 0.88
C CYS B 153 14.35 -18.32 2.26
N ALA B 154 15.01 -17.27 2.71
CA ALA B 154 14.69 -16.67 4.00
C ALA B 154 13.42 -15.82 3.89
N VAL B 155 13.22 -15.26 2.70
CA VAL B 155 12.08 -14.41 2.39
C VAL B 155 10.90 -15.25 1.87
N VAL B 156 11.25 -16.18 1.00
CA VAL B 156 10.31 -17.06 0.32
C VAL B 156 9.97 -18.43 0.94
N GLY B 157 10.96 -19.06 1.59
CA GLY B 157 10.79 -20.38 2.20
C GLY B 157 9.48 -20.80 2.83
N GLY B 158 8.74 -19.87 3.43
CA GLY B 158 7.47 -20.22 4.07
C GLY B 158 6.22 -20.14 3.20
N LEU B 159 6.39 -19.71 1.95
CA LEU B 159 5.27 -19.59 1.00
C LEU B 159 4.95 -20.97 0.42
N ASP B 160 3.67 -21.27 0.20
CA ASP B 160 3.29 -22.57 -0.33
C ASP B 160 3.23 -22.66 -1.86
N ILE B 161 3.85 -21.71 -2.53
CA ILE B 161 3.86 -21.65 -3.99
C ILE B 161 4.28 -22.95 -4.67
N HIS B 162 5.28 -23.62 -4.11
CA HIS B 162 5.81 -24.87 -4.64
C HIS B 162 4.82 -26.03 -4.64
N LYS B 163 3.80 -25.95 -3.79
CA LYS B 163 2.81 -27.02 -3.71
C LYS B 163 1.96 -27.10 -4.97
N LYS B 164 2.12 -26.10 -5.83
CA LYS B 164 1.38 -26.02 -7.08
C LYS B 164 2.29 -26.23 -8.30
N MET B 165 3.60 -26.25 -8.08
CA MET B 165 4.55 -26.48 -9.18
C MET B 165 4.62 -28.01 -9.36
N VAL B 166 3.47 -28.61 -9.65
CA VAL B 166 3.35 -30.06 -9.80
C VAL B 166 2.59 -30.44 -11.09
N VAL B 167 3.25 -31.20 -11.97
CA VAL B 167 2.61 -31.67 -13.22
C VAL B 167 2.43 -33.19 -13.20
N ASP B 168 1.40 -33.67 -13.89
CA ASP B 168 1.12 -35.11 -13.99
C ASP B 168 1.88 -35.64 -15.20
N VAL B 169 2.51 -36.79 -15.04
CA VAL B 169 3.29 -37.39 -16.12
C VAL B 169 2.75 -38.77 -16.52
N GLY C 1 -19.90 -15.58 -7.06
CA GLY C 1 -20.11 -14.77 -8.29
C GLY C 1 -19.37 -13.45 -8.30
N VAL C 2 -19.62 -12.64 -9.32
CA VAL C 2 -19.03 -11.33 -9.46
C VAL C 2 -20.19 -10.36 -9.75
N GLN C 3 -20.66 -9.70 -8.69
CA GLN C 3 -21.78 -8.78 -8.77
C GLN C 3 -21.35 -7.38 -9.19
N VAL C 4 -21.82 -6.94 -10.36
CA VAL C 4 -21.49 -5.60 -10.86
C VAL C 4 -22.57 -4.54 -10.58
N GLU C 5 -22.18 -3.48 -9.87
CA GLU C 5 -23.08 -2.38 -9.57
C GLU C 5 -22.41 -1.13 -10.15
N THR C 6 -23.06 -0.49 -11.12
CA THR C 6 -22.52 0.70 -11.79
C THR C 6 -22.35 1.91 -10.89
N ILE C 7 -21.29 2.67 -11.14
CA ILE C 7 -20.95 3.90 -10.41
C ILE C 7 -21.07 5.08 -11.40
N SER C 8 -20.56 4.88 -12.61
CA SER C 8 -20.61 5.86 -13.68
C SER C 8 -21.10 5.12 -14.92
N PRO C 9 -21.88 5.78 -15.78
CA PRO C 9 -22.50 5.31 -17.04
C PRO C 9 -21.66 4.72 -18.20
N GLY C 10 -21.07 5.58 -19.02
CA GLY C 10 -20.33 5.10 -20.18
C GLY C 10 -21.35 4.87 -21.29
N ASP C 11 -20.93 4.69 -22.54
CA ASP C 11 -21.93 4.46 -23.60
C ASP C 11 -22.49 3.05 -23.45
N GLY C 12 -23.77 2.93 -23.13
CA GLY C 12 -24.37 1.62 -22.93
C GLY C 12 -24.42 0.67 -24.12
N ARG C 13 -23.44 0.77 -25.03
CA ARG C 13 -23.41 -0.07 -26.21
C ARG C 13 -22.05 -0.71 -26.52
N THR C 14 -20.95 -0.02 -26.28
CA THR C 14 -19.62 -0.57 -26.56
C THR C 14 -19.03 -1.43 -25.43
N PHE C 15 -19.33 -2.72 -25.49
CA PHE C 15 -18.82 -3.70 -24.53
C PHE C 15 -17.58 -4.34 -25.16
N PRO C 16 -16.69 -4.92 -24.34
CA PRO C 16 -15.47 -5.56 -24.86
C PRO C 16 -15.69 -6.97 -25.40
N LYS C 17 -14.92 -7.33 -26.42
CA LYS C 17 -15.02 -8.64 -27.03
C LYS C 17 -13.76 -9.44 -26.71
N ALA C 18 -13.84 -10.76 -26.84
CA ALA C 18 -12.70 -11.65 -26.59
C ALA C 18 -11.54 -11.33 -27.54
N GLY C 19 -10.34 -11.24 -26.99
CA GLY C 19 -9.17 -10.92 -27.77
C GLY C 19 -8.85 -9.43 -27.67
N GLN C 20 -9.86 -8.65 -27.32
CA GLN C 20 -9.73 -7.19 -27.19
C GLN C 20 -9.04 -6.78 -25.90
N THR C 21 -8.04 -5.92 -26.03
CA THR C 21 -7.28 -5.42 -24.87
C THR C 21 -8.04 -4.33 -24.11
N CYS C 22 -8.50 -4.68 -22.90
CA CYS C 22 -9.23 -3.73 -22.05
C CYS C 22 -8.25 -2.89 -21.25
N VAL C 23 -8.30 -1.58 -21.46
CA VAL C 23 -7.43 -0.66 -20.73
C VAL C 23 -8.27 -0.10 -19.58
N VAL C 24 -7.88 -0.42 -18.34
CA VAL C 24 -8.62 0.03 -17.17
C VAL C 24 -7.80 0.58 -16.02
N HIS C 25 -8.49 1.25 -15.11
CA HIS C 25 -7.91 1.79 -13.91
C HIS C 25 -8.76 1.11 -12.86
N TYR C 26 -8.13 0.54 -11.86
CA TYR C 26 -8.87 -0.15 -10.82
C TYR C 26 -8.34 0.23 -9.45
N THR C 27 -9.12 -0.12 -8.44
CA THR C 27 -8.78 0.08 -7.06
C THR C 27 -9.41 -1.11 -6.33
N GLY C 28 -8.59 -2.08 -5.96
CA GLY C 28 -9.07 -3.26 -5.28
C GLY C 28 -9.20 -3.06 -3.79
N MET C 29 -10.24 -3.64 -3.21
CA MET C 29 -10.49 -3.52 -1.79
C MET C 29 -10.94 -4.85 -1.24
N LEU C 30 -10.80 -5.01 0.06
CA LEU C 30 -11.24 -6.21 0.77
C LEU C 30 -12.73 -5.98 1.01
N GLU C 31 -13.44 -6.99 1.48
CA GLU C 31 -14.87 -6.83 1.71
C GLU C 31 -15.22 -5.66 2.63
N ASP C 32 -14.35 -5.35 3.58
CA ASP C 32 -14.60 -4.23 4.49
C ASP C 32 -14.31 -2.89 3.80
N GLY C 33 -14.00 -2.96 2.51
CA GLY C 33 -13.72 -1.75 1.76
C GLY C 33 -12.29 -1.28 1.91
N LYS C 34 -11.51 -1.88 2.82
CA LYS C 34 -10.12 -1.48 3.01
C LYS C 34 -9.30 -1.80 1.77
N LYS C 35 -8.84 -0.75 1.10
CA LYS C 35 -8.04 -0.86 -0.11
C LYS C 35 -6.77 -1.67 0.10
N PHE C 36 -6.38 -2.42 -0.93
CA PHE C 36 -5.17 -3.23 -0.90
C PHE C 36 -4.26 -2.98 -2.09
N ASP C 37 -4.76 -2.29 -3.10
CA ASP C 37 -3.96 -1.98 -4.30
C ASP C 37 -4.79 -1.15 -5.27
N SER C 38 -4.11 -0.48 -6.20
CA SER C 38 -4.77 0.33 -7.20
C SER C 38 -3.79 0.69 -8.32
N SER C 39 -4.27 0.75 -9.55
CA SER C 39 -3.41 1.11 -10.69
C SER C 39 -3.11 2.59 -10.63
N ARG C 40 -3.92 3.31 -9.86
CA ARG C 40 -3.76 4.75 -9.67
C ARG C 40 -2.53 5.01 -8.81
N ASP C 41 -2.14 4.00 -8.04
CA ASP C 41 -0.96 4.09 -7.18
C ASP C 41 0.29 4.27 -8.06
N ARG C 42 0.26 3.66 -9.24
CA ARG C 42 1.37 3.72 -10.18
C ARG C 42 1.12 4.67 -11.34
N ASN C 43 -0.09 5.25 -11.39
CA ASN C 43 -0.47 6.16 -12.47
C ASN C 43 -0.34 5.44 -13.81
N LYS C 44 -0.47 4.10 -13.77
CA LYS C 44 -0.38 3.22 -14.94
C LYS C 44 -1.69 2.46 -15.06
N PRO C 45 -2.37 2.56 -16.20
CA PRO C 45 -3.64 1.83 -16.36
C PRO C 45 -3.34 0.35 -16.60
N PHE C 46 -4.03 -0.53 -15.88
CA PHE C 46 -3.83 -1.96 -16.07
C PHE C 46 -4.45 -2.38 -17.39
N LYS C 47 -3.63 -2.96 -18.26
CA LYS C 47 -4.10 -3.44 -19.56
C LYS C 47 -4.03 -4.95 -19.56
N PHE C 48 -5.18 -5.57 -19.86
CA PHE C 48 -5.26 -7.01 -19.97
C PHE C 48 -6.18 -7.21 -21.17
N MET C 49 -6.32 -8.42 -21.65
CA MET C 49 -7.18 -8.62 -22.80
C MET C 49 -8.09 -9.84 -22.68
N LEU C 50 -9.39 -9.56 -22.70
CA LEU C 50 -10.45 -10.56 -22.58
C LEU C 50 -10.22 -11.89 -23.27
N GLY C 51 -10.75 -12.93 -22.62
CA GLY C 51 -10.63 -14.28 -23.16
C GLY C 51 -9.37 -15.03 -22.80
N LYS C 52 -8.22 -14.43 -23.06
CA LYS C 52 -6.91 -15.05 -22.80
C LYS C 52 -6.50 -15.42 -21.36
N GLN C 53 -7.45 -15.50 -20.43
CA GLN C 53 -7.18 -15.88 -19.04
C GLN C 53 -5.98 -15.15 -18.40
N GLU C 54 -5.99 -13.82 -18.44
CA GLU C 54 -4.92 -13.01 -17.88
C GLU C 54 -5.27 -12.33 -16.56
N VAL C 55 -6.47 -12.58 -16.06
CA VAL C 55 -6.93 -12.00 -14.80
C VAL C 55 -7.84 -13.01 -14.09
N ILE C 56 -8.16 -12.77 -12.82
CA ILE C 56 -9.03 -13.71 -12.11
C ILE C 56 -10.42 -13.74 -12.76
N ARG C 57 -11.13 -14.86 -12.59
CA ARG C 57 -12.46 -15.05 -13.18
C ARG C 57 -13.40 -13.88 -13.00
N GLY C 58 -13.53 -13.40 -11.77
CA GLY C 58 -14.40 -12.28 -11.49
C GLY C 58 -14.18 -11.14 -12.47
N TRP C 59 -12.93 -10.90 -12.83
CA TRP C 59 -12.63 -9.83 -13.78
C TRP C 59 -13.12 -10.17 -15.18
N GLU C 60 -12.86 -11.39 -15.64
CA GLU C 60 -13.30 -11.81 -16.97
C GLU C 60 -14.81 -11.67 -17.13
N GLU C 61 -15.56 -12.26 -16.19
CA GLU C 61 -17.01 -12.20 -16.19
C GLU C 61 -17.54 -10.78 -15.93
N GLY C 62 -16.85 -10.06 -15.04
CA GLY C 62 -17.25 -8.70 -14.70
C GLY C 62 -16.94 -7.63 -15.74
N VAL C 63 -15.68 -7.50 -16.14
CA VAL C 63 -15.26 -6.50 -17.13
C VAL C 63 -15.92 -6.70 -18.51
N ALA C 64 -16.43 -7.90 -18.76
CA ALA C 64 -17.14 -8.20 -20.01
C ALA C 64 -18.47 -7.43 -20.01
N GLN C 65 -19.10 -7.40 -18.83
CA GLN C 65 -20.38 -6.72 -18.61
C GLN C 65 -20.26 -5.19 -18.55
N MET C 66 -19.12 -4.63 -18.94
CA MET C 66 -18.95 -3.18 -18.86
C MET C 66 -18.80 -2.48 -20.20
N SER C 67 -19.38 -1.28 -20.29
CA SER C 67 -19.31 -0.47 -21.49
C SER C 67 -18.21 0.61 -21.34
N VAL C 68 -17.55 0.95 -22.45
CA VAL C 68 -16.47 1.93 -22.43
C VAL C 68 -16.84 3.22 -21.72
N GLY C 69 -16.05 3.58 -20.72
CA GLY C 69 -16.31 4.79 -19.96
C GLY C 69 -17.09 4.49 -18.70
N GLN C 70 -17.53 3.25 -18.57
CA GLN C 70 -18.29 2.86 -17.40
C GLN C 70 -17.36 2.61 -16.21
N ARG C 71 -17.80 3.05 -15.05
CA ARG C 71 -17.05 2.86 -13.83
C ARG C 71 -18.02 2.07 -12.96
N ALA C 72 -17.63 0.87 -12.55
CA ALA C 72 -18.51 0.04 -11.75
C ALA C 72 -17.81 -0.71 -10.64
N LYS C 73 -18.60 -1.20 -9.70
CA LYS C 73 -18.15 -1.95 -8.56
C LYS C 73 -18.40 -3.44 -8.77
N LEU C 74 -17.32 -4.18 -9.01
CA LEU C 74 -17.37 -5.63 -9.18
C LEU C 74 -17.16 -6.24 -7.79
N THR C 75 -18.12 -7.01 -7.31
CA THR C 75 -18.00 -7.64 -6.00
C THR C 75 -17.79 -9.14 -6.22
N ILE C 76 -16.51 -9.50 -6.33
CA ILE C 76 -16.07 -10.86 -6.60
C ILE C 76 -15.95 -11.78 -5.40
N SER C 77 -16.33 -13.03 -5.60
CA SER C 77 -16.28 -14.04 -4.56
C SER C 77 -14.95 -14.80 -4.64
N PRO C 78 -14.46 -15.34 -3.51
CA PRO C 78 -13.20 -16.09 -3.45
C PRO C 78 -13.01 -17.10 -4.59
N ASP C 79 -13.98 -17.98 -4.80
CA ASP C 79 -13.88 -18.98 -5.87
C ASP C 79 -13.69 -18.36 -7.26
N TYR C 80 -14.08 -17.09 -7.38
CA TYR C 80 -13.95 -16.37 -8.62
C TYR C 80 -12.72 -15.48 -8.55
N ALA C 81 -12.06 -15.52 -7.40
CA ALA C 81 -10.88 -14.71 -7.16
C ALA C 81 -9.69 -15.59 -6.70
N TYR C 82 -9.30 -15.48 -5.43
CA TYR C 82 -8.15 -16.21 -4.92
C TYR C 82 -8.44 -17.43 -4.03
N GLY C 83 -9.72 -17.75 -3.90
CA GLY C 83 -10.13 -18.91 -3.12
C GLY C 83 -9.62 -18.97 -1.70
N ALA C 84 -9.25 -20.17 -1.25
CA ALA C 84 -8.75 -20.37 0.11
C ALA C 84 -7.25 -20.14 0.22
N THR C 85 -6.55 -20.23 -0.89
CA THR C 85 -5.11 -20.02 -0.90
C THR C 85 -4.78 -18.55 -0.71
N GLY C 86 -5.68 -17.67 -1.18
CA GLY C 86 -5.46 -16.25 -1.07
C GLY C 86 -4.31 -15.91 -2.00
N HIS C 87 -3.60 -14.83 -1.70
CA HIS C 87 -2.47 -14.43 -2.51
C HIS C 87 -1.42 -13.91 -1.56
N PRO C 88 -0.25 -14.57 -1.49
CA PRO C 88 0.90 -14.24 -0.63
C PRO C 88 1.18 -12.74 -0.50
N GLY C 89 1.05 -12.23 0.71
CA GLY C 89 1.31 -10.83 0.97
C GLY C 89 0.17 -9.83 0.88
N ILE C 90 -0.83 -10.08 0.05
CA ILE C 90 -1.91 -9.10 -0.06
C ILE C 90 -3.29 -9.65 0.27
N ILE C 91 -3.68 -10.72 -0.42
CA ILE C 91 -5.01 -11.26 -0.23
C ILE C 91 -5.15 -12.41 0.76
N PRO C 92 -5.93 -12.18 1.82
CA PRO C 92 -6.17 -13.19 2.86
C PRO C 92 -7.06 -14.29 2.29
N PRO C 93 -6.91 -15.52 2.80
CA PRO C 93 -7.70 -16.65 2.33
C PRO C 93 -9.20 -16.44 2.46
N HIS C 94 -9.96 -17.12 1.59
CA HIS C 94 -11.42 -17.11 1.61
C HIS C 94 -11.95 -15.66 1.61
N ALA C 95 -11.37 -14.83 0.73
CA ALA C 95 -11.76 -13.42 0.66
C ALA C 95 -12.59 -12.93 -0.53
N THR C 96 -13.56 -12.08 -0.20
CA THR C 96 -14.46 -11.44 -1.17
C THR C 96 -13.79 -10.11 -1.44
N LEU C 97 -13.60 -9.79 -2.71
CA LEU C 97 -12.93 -8.56 -3.07
C LEU C 97 -13.80 -7.64 -3.89
N VAL C 98 -13.87 -6.37 -3.50
CA VAL C 98 -14.64 -5.39 -4.25
C VAL C 98 -13.66 -4.53 -5.05
N PHE C 99 -13.91 -4.48 -6.36
CA PHE C 99 -13.09 -3.75 -7.30
C PHE C 99 -13.85 -2.60 -7.94
N ASP C 100 -13.30 -1.41 -7.84
CA ASP C 100 -13.89 -0.25 -8.46
C ASP C 100 -13.09 -0.25 -9.76
N VAL C 101 -13.72 -0.67 -10.86
CA VAL C 101 -13.07 -0.71 -12.16
C VAL C 101 -13.65 0.35 -13.10
N GLU C 102 -12.77 1.04 -13.82
CA GLU C 102 -13.19 2.09 -14.74
C GLU C 102 -12.69 1.74 -16.12
N LEU C 103 -13.57 1.21 -16.97
CA LEU C 103 -13.17 0.86 -18.34
C LEU C 103 -12.81 2.13 -19.09
N LEU C 104 -11.53 2.31 -19.34
CA LEU C 104 -11.04 3.50 -20.00
C LEU C 104 -11.05 3.42 -21.52
N LYS C 105 -10.39 2.41 -22.05
CA LYS C 105 -10.24 2.29 -23.49
C LYS C 105 -10.17 0.83 -23.92
N LEU C 106 -10.19 0.62 -25.24
CA LEU C 106 -10.10 -0.70 -25.85
C LEU C 106 -9.04 -0.56 -26.93
N GLU C 107 -8.20 -1.58 -27.08
CA GLU C 107 -7.15 -1.58 -28.10
C GLU C 107 -6.73 -3.02 -28.38
#